data_4RVH
#
_entry.id   4RVH
#
_cell.length_a   135.359
_cell.length_b   135.359
_cell.length_c   127.307
_cell.angle_alpha   90.00
_cell.angle_beta   90.00
_cell.angle_gamma   90.00
#
_symmetry.space_group_name_H-M   'I 41 2 2'
#
loop_
_entity.id
_entity.type
_entity.pdbx_description
1 polymer 'D-mycarose 3-C-methyltransferase'
2 non-polymer 'ZINC ION'
3 non-polymer S-ADENOSYL-L-HOMOCYSTEINE
4 non-polymer '[(2R,3S,5R)-3-hydroxy-5-(5-methyl-2,4-dioxo-3,4-dihydropyrimidin-1(2H)-yl)tetrahydrofuran-2-yl]methyl (2R,4R,6R)-4-hydroxy-6-methyl-5-oxotetrahydro-2H-pyran-2-yl dihydrogen diphosphate'
5 water water
#
_entity_poly.entity_id   1
_entity_poly.type   'polypeptide(L)'
_entity_poly.pdbx_seq_one_letter_code
;MDIYGTARAVTTCRMCGAQDWQEVVDFGPVPLADSFLEPAASYDDEPRYPLAVVSCRSCRLMSLTHVVDPEVLYRTYPYT
TSDSETIKKHMGHVVAVCVERFGIPEGSFVLEIGSNTGSQLKAFQNAGMRTLGIDPARNIAAVANERGIETLPEFFSVDT
AALVKKTHGTPQLVLGRHVFAHIDDVSAVAEGVRDLLGPDSLFAIEVPYLVDMLERNEFDTIYHEHLSYIGVGSLVALFR
RHGLRVVDVERLAVHGGSILVFVGLDEGTRATAPVVEELIALEKERGLYEDATYERFARHVAEITAELTSMVRSLRAEGK
RIAGYGAPAKGNTLLNVCGLTADDLEFC(CSO)DTTEFKQGLVLPGTHIPVRSPEYAKTQAIDYYLLLAWNYGEEILAKE
GPFLADGGRFILPNPRPSIVPPGEHHHHHH
;
_entity_poly.pdbx_strand_id   A
#
loop_
_chem_comp.id
_chem_comp.type
_chem_comp.name
_chem_comp.formula
3YN non-polymer '[(2R,3S,5R)-3-hydroxy-5-(5-methyl-2,4-dioxo-3,4-dihydropyrimidin-1(2H)-yl)tetrahydrofuran-2-yl]methyl (2R,4R,6R)-4-hydroxy-6-methyl-5-oxotetrahydro-2H-pyran-2-yl dihydrogen diphosphate' 'C16 H24 N2 O14 P2'
SAH non-polymer S-ADENOSYL-L-HOMOCYSTEINE 'C14 H20 N6 O5 S'
ZN non-polymer 'ZINC ION' 'Zn 2'
#
# COMPACT_ATOMS: atom_id res chain seq x y z
N THR A 6 -6.41 12.01 19.45
CA THR A 6 -5.75 12.79 18.35
C THR A 6 -4.50 12.10 17.84
N ALA A 7 -4.06 12.51 16.65
CA ALA A 7 -2.86 11.96 16.02
C ALA A 7 -1.62 12.71 16.49
N ARG A 8 -0.52 11.99 16.65
CA ARG A 8 0.75 12.59 17.10
C ARG A 8 1.49 13.23 15.93
N ALA A 9 1.94 14.47 16.13
CA ALA A 9 2.63 15.21 15.08
C ALA A 9 4.07 14.76 14.91
N VAL A 10 4.55 14.83 13.67
CA VAL A 10 5.89 14.42 13.32
C VAL A 10 6.85 15.56 13.65
N THR A 11 8.02 15.22 14.20
CA THR A 11 9.03 16.21 14.49
C THR A 11 10.23 15.94 13.60
N THR A 12 10.93 14.84 13.87
CA THR A 12 12.14 14.48 13.15
C THR A 12 11.87 13.38 12.12
N CYS A 13 12.68 13.35 11.07
CA CYS A 13 12.55 12.37 9.99
C CYS A 13 12.79 10.95 10.49
N ARG A 14 11.88 10.03 10.12
CA ARG A 14 11.96 8.62 10.49
C ARG A 14 13.25 7.92 10.06
N MET A 15 13.72 8.26 8.87
CA MET A 15 14.83 7.54 8.24
C MET A 15 16.20 8.10 8.62
N CYS A 16 16.42 9.38 8.32
CA CYS A 16 17.75 9.99 8.45
C CYS A 16 17.92 10.86 9.71
N GLY A 17 16.82 11.19 10.38
CA GLY A 17 16.89 11.89 11.66
C GLY A 17 17.03 13.41 11.58
N ALA A 18 16.98 13.96 10.38
CA ALA A 18 17.05 15.41 10.19
C ALA A 18 15.69 16.05 10.46
N GLN A 19 15.64 17.37 10.35
CA GLN A 19 14.39 18.11 10.47
C GLN A 19 14.42 19.30 9.52
N ASP A 20 14.13 19.03 8.25
CA ASP A 20 14.11 20.04 7.20
C ASP A 20 13.28 19.52 6.04
N TRP A 21 11.99 19.83 6.04
CA TRP A 21 11.10 19.39 4.96
C TRP A 21 10.25 20.49 4.34
N GLN A 22 9.97 20.32 3.05
CA GLN A 22 9.06 21.21 2.32
C GLN A 22 7.66 20.62 2.35
N GLU A 23 6.67 21.50 2.35
CA GLU A 23 5.28 21.10 2.23
C GLU A 23 5.03 20.74 0.76
N VAL A 24 4.31 19.65 0.54
CA VAL A 24 4.01 19.20 -0.83
C VAL A 24 2.51 19.28 -1.15
N VAL A 25 1.66 18.75 -0.28
CA VAL A 25 0.21 18.91 -0.43
C VAL A 25 -0.53 18.64 0.88
N ASP A 26 -1.66 19.33 1.05
CA ASP A 26 -2.47 19.27 2.26
C ASP A 26 -3.94 19.08 1.88
N PHE A 27 -4.55 18.01 2.37
CA PHE A 27 -5.96 17.71 2.10
C PHE A 27 -6.85 18.08 3.29
N GLY A 28 -6.27 18.66 4.33
CA GLY A 28 -7.01 19.03 5.54
C GLY A 28 -7.39 17.82 6.36
N PRO A 29 -8.43 17.95 7.21
CA PRO A 29 -8.91 16.81 7.99
C PRO A 29 -9.73 15.83 7.14
N VAL A 30 -9.38 14.55 7.22
CA VAL A 30 -10.01 13.50 6.41
C VAL A 30 -10.26 12.27 7.29
N PRO A 31 -11.42 11.60 7.12
CA PRO A 31 -11.67 10.38 7.89
C PRO A 31 -10.75 9.22 7.49
N LEU A 32 -10.59 8.25 8.38
CA LEU A 32 -9.67 7.13 8.14
C LEU A 32 -10.19 6.27 7.00
N ALA A 33 -9.28 5.89 6.11
CA ALA A 33 -9.62 5.25 4.84
C ALA A 33 -10.21 3.83 5.01
N ASP A 34 -9.84 3.13 6.07
CA ASP A 34 -10.39 1.79 6.35
C ASP A 34 -11.40 1.78 7.50
N SER A 35 -11.99 2.94 7.80
CA SER A 35 -13.04 3.05 8.81
C SER A 35 -14.42 3.11 8.15
N PHE A 36 -14.90 1.97 7.70
CA PHE A 36 -16.21 1.84 7.08
C PHE A 36 -17.27 1.88 8.15
N LEU A 37 -18.46 2.41 7.82
CA LEU A 37 -19.51 2.68 8.81
C LEU A 37 -20.81 1.94 8.51
N GLU A 38 -21.58 1.68 9.56
CA GLU A 38 -22.93 1.17 9.42
C GLU A 38 -23.81 2.28 8.84
N PRO A 39 -24.79 1.92 7.99
CA PRO A 39 -25.72 2.97 7.54
C PRO A 39 -26.47 3.57 8.71
N ALA A 40 -26.58 4.89 8.73
CA ALA A 40 -27.19 5.60 9.84
C ALA A 40 -27.83 6.90 9.38
N ALA A 41 -28.58 7.54 10.26
CA ALA A 41 -29.26 8.80 9.95
C ALA A 41 -28.26 9.96 9.90
N SER A 42 -27.32 9.98 10.84
CA SER A 42 -26.32 11.04 10.92
C SER A 42 -24.91 10.48 11.17
N TYR A 43 -23.90 11.27 10.81
CA TYR A 43 -22.49 10.89 10.99
C TYR A 43 -21.70 12.07 11.55
N ASP A 44 -22.21 12.63 12.65
CA ASP A 44 -21.64 13.86 13.23
C ASP A 44 -20.34 13.56 13.97
N ASP A 45 -20.31 12.42 14.64
CA ASP A 45 -19.18 12.03 15.48
C ASP A 45 -18.11 11.20 14.76
N GLU A 46 -18.16 11.16 13.42
CA GLU A 46 -17.14 10.45 12.64
C GLU A 46 -15.78 11.13 12.81
N PRO A 47 -14.78 10.40 13.30
CA PRO A 47 -13.46 11.02 13.50
C PRO A 47 -12.77 11.39 12.19
N ARG A 48 -12.05 12.52 12.22
CA ARG A 48 -11.27 12.99 11.08
C ARG A 48 -9.91 13.44 11.59
N TYR A 49 -8.86 13.21 10.80
CA TYR A 49 -7.50 13.56 11.17
C TYR A 49 -6.82 14.33 10.04
N PRO A 50 -5.83 15.18 10.37
CA PRO A 50 -5.15 15.94 9.32
C PRO A 50 -4.40 15.02 8.36
N LEU A 51 -4.60 15.22 7.06
CA LEU A 51 -3.93 14.44 6.03
C LEU A 51 -3.10 15.36 5.16
N ALA A 52 -1.80 15.38 5.40
CA ALA A 52 -0.88 16.23 4.67
C ALA A 52 0.48 15.54 4.57
N VAL A 53 1.18 15.79 3.47
CA VAL A 53 2.47 15.15 3.22
C VAL A 53 3.58 16.18 3.17
N VAL A 54 4.78 15.76 3.57
CA VAL A 54 5.98 16.59 3.54
C VAL A 54 7.13 15.77 3.00
N SER A 55 8.18 16.44 2.52
CA SER A 55 9.32 15.79 1.91
C SER A 55 10.62 16.24 2.56
N CYS A 56 11.30 15.30 3.24
CA CYS A 56 12.55 15.57 3.94
C CYS A 56 13.67 15.90 2.96
N ARG A 57 14.27 17.08 3.10
CA ARG A 57 15.30 17.54 2.17
C ARG A 57 16.65 16.81 2.28
N SER A 58 16.89 16.17 3.43
CA SER A 58 18.14 15.43 3.64
C SER A 58 18.17 14.13 2.83
N CYS A 59 17.21 13.24 3.09
CA CYS A 59 17.16 11.91 2.44
C CYS A 59 16.00 11.76 1.45
N ARG A 60 15.08 12.73 1.44
CA ARG A 60 13.91 12.73 0.55
C ARG A 60 12.94 11.57 0.80
N LEU A 61 12.78 11.21 2.07
CA LEU A 61 11.62 10.45 2.49
C LEU A 61 10.45 11.40 2.37
N MET A 62 9.37 10.91 1.79
CA MET A 62 8.12 11.62 1.79
C MET A 62 7.27 11.02 2.91
N SER A 63 6.67 11.86 3.74
CA SER A 63 6.00 11.42 4.96
C SER A 63 4.76 12.26 5.26
N LEU A 64 3.83 11.68 6.00
CA LEU A 64 2.68 12.42 6.50
C LEU A 64 3.14 13.35 7.62
N THR A 65 2.39 14.43 7.84
CA THR A 65 2.70 15.36 8.93
C THR A 65 2.31 14.79 10.29
N HIS A 66 1.43 13.78 10.30
CA HIS A 66 0.97 13.17 11.55
C HIS A 66 0.97 11.63 11.50
N VAL A 67 0.83 11.03 12.68
CA VAL A 67 0.87 9.58 12.86
C VAL A 67 -0.33 9.14 13.71
N VAL A 68 -1.32 8.56 13.06
CA VAL A 68 -2.52 8.04 13.76
C VAL A 68 -2.12 6.81 14.55
N ASP A 69 -2.67 6.68 15.75
CA ASP A 69 -2.29 5.62 16.68
C ASP A 69 -2.46 4.23 16.05
N PRO A 70 -1.35 3.43 15.96
CA PRO A 70 -1.45 2.10 15.35
C PRO A 70 -2.37 1.12 16.09
N GLU A 71 -2.58 1.32 17.39
CA GLU A 71 -3.57 0.54 18.15
C GLU A 71 -4.96 0.78 17.57
N VAL A 72 -5.24 2.01 17.17
CA VAL A 72 -6.52 2.39 16.59
C VAL A 72 -6.68 1.81 15.18
N LEU A 73 -5.61 1.86 14.40
CA LEU A 73 -5.65 1.43 12.99
C LEU A 73 -5.76 -0.08 12.80
N TYR A 74 -4.92 -0.84 13.49
CA TYR A 74 -4.68 -2.24 13.11
C TYR A 74 -5.23 -3.32 14.05
N ARG A 75 -5.64 -2.94 15.26
CA ARG A 75 -6.05 -3.95 16.25
C ARG A 75 -7.33 -4.68 15.83
N THR A 76 -8.22 -3.99 15.10
CA THR A 76 -9.34 -4.64 14.42
C THR A 76 -9.34 -4.21 12.95
N TYR A 77 -8.54 -4.89 12.14
CA TYR A 77 -8.29 -4.51 10.75
C TYR A 77 -9.24 -5.25 9.81
N PRO A 78 -9.89 -4.52 8.87
CA PRO A 78 -10.86 -5.13 7.97
C PRO A 78 -10.28 -5.72 6.68
N TYR A 79 -9.08 -5.30 6.28
CA TYR A 79 -8.50 -5.73 5.00
C TYR A 79 -7.75 -7.05 5.11
N THR A 80 -8.32 -8.09 4.51
CA THR A 80 -7.61 -9.36 4.36
C THR A 80 -6.82 -9.31 3.05
N THR A 81 -5.71 -10.02 2.98
CA THR A 81 -4.91 -10.08 1.76
C THR A 81 -5.77 -10.47 0.56
N SER A 82 -5.51 -9.81 -0.58
CA SER A 82 -6.27 -10.03 -1.80
C SER A 82 -6.22 -11.49 -2.25
N ASP A 83 -7.38 -12.02 -2.64
CA ASP A 83 -7.47 -13.37 -3.21
C ASP A 83 -7.54 -13.33 -4.75
N SER A 84 -7.12 -12.21 -5.33
CA SER A 84 -7.13 -12.05 -6.78
C SER A 84 -6.03 -12.88 -7.44
N GLU A 85 -6.18 -13.14 -8.73
CA GLU A 85 -5.17 -13.86 -9.50
C GLU A 85 -3.87 -13.07 -9.61
N THR A 86 -3.99 -11.73 -9.61
CA THR A 86 -2.82 -10.86 -9.66
C THR A 86 -1.94 -11.06 -8.42
N ILE A 87 -2.56 -11.13 -7.24
CA ILE A 87 -1.80 -11.30 -5.99
C ILE A 87 -1.37 -12.75 -5.74
N LYS A 88 -2.19 -13.72 -6.13
CA LYS A 88 -1.80 -15.14 -6.06
C LYS A 88 -0.52 -15.39 -6.86
N LYS A 89 -0.52 -14.87 -8.09
CA LYS A 89 0.63 -14.99 -8.98
C LYS A 89 1.87 -14.26 -8.41
N HIS A 90 1.66 -13.04 -7.93
CA HIS A 90 2.75 -12.25 -7.37
C HIS A 90 3.36 -12.86 -6.10
N MET A 91 2.52 -13.46 -5.26
CA MET A 91 3.02 -14.13 -4.05
C MET A 91 3.92 -15.32 -4.42
N GLY A 92 3.53 -16.08 -5.43
CA GLY A 92 4.37 -17.14 -5.98
C GLY A 92 5.69 -16.60 -6.49
N HIS A 93 5.63 -15.44 -7.14
CA HIS A 93 6.83 -14.78 -7.66
C HIS A 93 7.77 -14.34 -6.53
N VAL A 94 7.21 -13.83 -5.44
CA VAL A 94 8.00 -13.44 -4.27
C VAL A 94 8.80 -14.63 -3.73
N VAL A 95 8.14 -15.79 -3.62
CA VAL A 95 8.81 -17.01 -3.20
C VAL A 95 9.96 -17.34 -4.15
N ALA A 96 9.66 -17.33 -5.45
CA ALA A 96 10.63 -17.68 -6.47
C ALA A 96 11.87 -16.80 -6.41
N VAL A 97 11.66 -15.48 -6.32
CA VAL A 97 12.76 -14.52 -6.27
C VAL A 97 13.61 -14.72 -5.02
N CYS A 98 12.96 -14.78 -3.85
CA CYS A 98 13.67 -14.95 -2.58
C CYS A 98 14.50 -16.24 -2.52
N VAL A 99 13.91 -17.33 -2.99
CA VAL A 99 14.53 -18.66 -2.92
C VAL A 99 15.63 -18.85 -3.97
N GLU A 100 15.29 -18.56 -5.23
CA GLU A 100 16.20 -18.87 -6.34
C GLU A 100 17.34 -17.86 -6.49
N ARG A 101 17.05 -16.59 -6.27
CA ARG A 101 18.08 -15.56 -6.38
C ARG A 101 19.12 -15.67 -5.27
N PHE A 102 18.68 -15.98 -4.05
CA PHE A 102 19.57 -16.01 -2.89
C PHE A 102 19.87 -17.42 -2.37
N GLY A 103 19.32 -18.44 -3.03
CA GLY A 103 19.69 -19.82 -2.76
C GLY A 103 19.31 -20.32 -1.38
N ILE A 104 18.10 -19.99 -0.94
CA ILE A 104 17.60 -20.43 0.36
C ILE A 104 17.20 -21.90 0.25
N PRO A 105 17.82 -22.78 1.07
CA PRO A 105 17.47 -24.21 1.01
C PRO A 105 16.11 -24.55 1.60
N GLU A 106 15.58 -25.71 1.23
CA GLU A 106 14.35 -26.22 1.82
C GLU A 106 14.53 -26.49 3.31
N GLY A 107 13.47 -26.27 4.08
CA GLY A 107 13.51 -26.42 5.53
C GLY A 107 14.04 -25.18 6.24
N SER A 108 14.32 -24.12 5.48
CA SER A 108 14.77 -22.86 6.06
C SER A 108 13.60 -22.15 6.73
N PHE A 109 13.93 -21.16 7.54
CA PHE A 109 12.95 -20.47 8.38
C PHE A 109 12.68 -19.08 7.80
N VAL A 110 11.40 -18.80 7.55
CA VAL A 110 10.97 -17.53 6.99
C VAL A 110 10.03 -16.84 7.97
N LEU A 111 10.41 -15.67 8.45
CA LEU A 111 9.57 -14.87 9.34
C LEU A 111 8.92 -13.75 8.52
N GLU A 112 7.60 -13.59 8.65
CA GLU A 112 6.93 -12.49 7.95
C GLU A 112 6.25 -11.50 8.90
N ILE A 113 6.63 -10.25 8.74
CA ILE A 113 6.03 -9.13 9.46
C ILE A 113 4.83 -8.63 8.65
N GLY A 114 3.69 -8.45 9.30
CA GLY A 114 2.47 -7.99 8.64
C GLY A 114 1.86 -9.10 7.79
N SER A 115 1.93 -10.33 8.31
CA SER A 115 1.59 -11.53 7.55
C SER A 115 0.10 -11.70 7.28
N ASN A 116 -0.73 -10.97 8.00
CA ASN A 116 -2.16 -10.90 7.71
C ASN A 116 -2.83 -12.29 7.84
N THR A 117 -3.59 -12.74 6.84
CA THR A 117 -4.25 -14.05 6.88
C THR A 117 -3.28 -15.22 6.69
N GLY A 118 -2.06 -14.94 6.24
CA GLY A 118 -1.02 -15.97 6.10
C GLY A 118 -0.84 -16.57 4.71
N SER A 119 -1.52 -16.01 3.70
CA SER A 119 -1.44 -16.53 2.34
C SER A 119 -0.02 -16.57 1.79
N GLN A 120 0.75 -15.52 2.05
CA GLN A 120 2.14 -15.45 1.58
C GLN A 120 3.01 -16.49 2.27
N LEU A 121 2.75 -16.73 3.56
CA LEU A 121 3.48 -17.76 4.30
C LEU A 121 3.10 -19.16 3.83
N LYS A 122 1.82 -19.38 3.57
CA LYS A 122 1.36 -20.65 2.98
C LYS A 122 2.13 -20.98 1.70
N ALA A 123 2.41 -19.95 0.87
CA ALA A 123 3.19 -20.15 -0.35
C ALA A 123 4.63 -20.57 -0.06
N PHE A 124 5.22 -20.01 0.99
CA PHE A 124 6.56 -20.44 1.44
C PHE A 124 6.55 -21.84 2.03
N GLN A 125 5.49 -22.20 2.74
CA GLN A 125 5.35 -23.56 3.27
C GLN A 125 5.26 -24.60 2.15
N ASN A 126 4.54 -24.27 1.08
CA ASN A 126 4.43 -25.16 -0.08
C ASN A 126 5.75 -25.32 -0.84
N ALA A 127 6.61 -24.32 -0.73
CA ALA A 127 7.97 -24.40 -1.27
C ALA A 127 8.95 -25.09 -0.31
N GLY A 128 8.46 -25.61 0.81
CA GLY A 128 9.26 -26.41 1.73
C GLY A 128 9.89 -25.67 2.91
N MET A 129 9.34 -24.50 3.26
CA MET A 129 9.89 -23.69 4.37
C MET A 129 9.07 -23.77 5.66
N ARG A 130 9.74 -23.53 6.79
CA ARG A 130 9.09 -23.21 8.07
C ARG A 130 8.69 -21.77 8.02
N THR A 131 7.68 -21.41 8.80
CA THR A 131 7.24 -20.05 8.84
C THR A 131 6.79 -19.63 10.21
N LEU A 132 6.73 -18.32 10.39
CA LEU A 132 6.07 -17.72 11.53
C LEU A 132 5.64 -16.32 11.10
N GLY A 133 4.44 -15.93 11.50
CA GLY A 133 3.91 -14.61 11.18
C GLY A 133 3.85 -13.71 12.41
N ILE A 134 3.98 -12.40 12.18
CA ILE A 134 3.73 -11.38 13.20
C ILE A 134 2.72 -10.39 12.63
N ASP A 135 1.53 -10.30 13.24
CA ASP A 135 0.52 -9.32 12.83
C ASP A 135 -0.38 -8.92 14.00
N PRO A 136 -0.52 -7.61 14.27
CA PRO A 136 -1.29 -7.14 15.43
C PRO A 136 -2.82 -7.21 15.27
N ALA A 137 -3.31 -7.42 14.05
CA ALA A 137 -4.75 -7.57 13.85
C ALA A 137 -5.24 -8.89 14.43
N ARG A 138 -5.86 -8.80 15.61
CA ARG A 138 -6.23 -9.98 16.39
C ARG A 138 -7.24 -10.86 15.67
N ASN A 139 -8.25 -10.22 15.10
CA ASN A 139 -9.28 -10.90 14.31
C ASN A 139 -8.67 -11.69 13.15
N ILE A 140 -7.76 -11.05 12.42
CA ILE A 140 -7.11 -11.66 11.26
C ILE A 140 -6.06 -12.70 11.69
N ALA A 141 -5.32 -12.39 12.76
CA ALA A 141 -4.33 -13.33 13.31
C ALA A 141 -4.97 -14.64 13.74
N ALA A 142 -6.13 -14.56 14.36
CA ALA A 142 -6.85 -15.74 14.84
C ALA A 142 -7.30 -16.65 13.69
N VAL A 143 -7.64 -16.06 12.55
CA VAL A 143 -8.01 -16.81 11.34
C VAL A 143 -6.78 -17.55 10.80
N ALA A 144 -5.67 -16.83 10.68
CA ALA A 144 -4.41 -17.43 10.21
C ALA A 144 -4.01 -18.63 11.09
N ASN A 145 -4.03 -18.44 12.40
CA ASN A 145 -3.73 -19.50 13.37
C ASN A 145 -4.68 -20.69 13.26
N GLU A 146 -5.97 -20.41 13.08
CA GLU A 146 -6.97 -21.46 12.91
C GLU A 146 -6.64 -22.28 11.68
N ARG A 147 -6.25 -21.58 10.61
CA ARG A 147 -5.96 -22.22 9.33
C ARG A 147 -4.66 -23.04 9.31
N GLY A 148 -3.85 -22.91 10.37
CA GLY A 148 -2.62 -23.70 10.52
C GLY A 148 -1.35 -22.93 10.24
N ILE A 149 -1.45 -21.60 10.22
CA ILE A 149 -0.31 -20.73 9.95
C ILE A 149 0.01 -19.93 11.20
N GLU A 150 1.03 -20.35 11.95
CA GLU A 150 1.34 -19.75 13.25
C GLU A 150 1.67 -18.26 13.11
N THR A 151 0.92 -17.44 13.85
CA THR A 151 1.04 -15.99 13.81
C THR A 151 0.96 -15.43 15.23
N LEU A 152 1.94 -14.61 15.61
CA LEU A 152 1.92 -13.91 16.89
C LEU A 152 1.05 -12.66 16.74
N PRO A 153 0.02 -12.50 17.61
CA PRO A 153 -0.89 -11.37 17.47
C PRO A 153 -0.36 -10.07 18.09
N GLU A 154 0.81 -9.62 17.64
CA GLU A 154 1.47 -8.44 18.18
C GLU A 154 2.10 -7.59 17.08
N PHE A 155 2.51 -6.38 17.45
CA PHE A 155 3.32 -5.53 16.59
C PHE A 155 4.74 -6.06 16.58
N PHE A 156 5.48 -5.76 15.52
CA PHE A 156 6.90 -6.06 15.50
C PHE A 156 7.64 -5.08 16.40
N SER A 157 8.67 -5.56 17.08
CA SER A 157 9.46 -4.73 17.99
C SER A 157 10.78 -5.42 18.31
N VAL A 158 11.66 -4.71 19.02
CA VAL A 158 12.94 -5.25 19.45
C VAL A 158 12.75 -6.47 20.37
N ASP A 159 11.76 -6.39 21.25
CA ASP A 159 11.52 -7.45 22.24
C ASP A 159 10.75 -8.64 21.64
N THR A 160 9.87 -8.38 20.70
CA THR A 160 9.19 -9.45 19.95
C THR A 160 10.21 -10.20 19.08
N ALA A 161 11.16 -9.46 18.49
CA ALA A 161 12.24 -10.06 17.72
C ALA A 161 13.09 -11.01 18.58
N ALA A 162 13.37 -10.59 19.82
CA ALA A 162 14.10 -11.43 20.77
C ALA A 162 13.32 -12.69 21.13
N LEU A 163 12.01 -12.55 21.34
CA LEU A 163 11.17 -13.71 21.63
C LEU A 163 11.25 -14.74 20.48
N VAL A 164 11.25 -14.27 19.25
CA VAL A 164 11.31 -15.14 18.07
C VAL A 164 12.64 -15.88 17.99
N LYS A 165 13.73 -15.14 18.18
CA LYS A 165 15.07 -15.75 18.14
C LYS A 165 15.22 -16.86 19.18
N LYS A 166 14.67 -16.63 20.38
CA LYS A 166 14.75 -17.61 21.45
C LYS A 166 13.93 -18.85 21.15
N THR A 167 12.66 -18.65 20.79
CA THR A 167 11.72 -19.74 20.61
C THR A 167 11.81 -20.44 19.24
N HIS A 168 12.16 -19.70 18.19
CA HIS A 168 12.15 -20.24 16.82
C HIS A 168 13.50 -20.23 16.11
N GLY A 169 14.43 -19.38 16.54
CA GLY A 169 15.79 -19.40 16.01
C GLY A 169 16.06 -18.31 15.00
N THR A 170 17.17 -18.45 14.28
CA THR A 170 17.60 -17.45 13.29
C THR A 170 16.92 -17.70 11.95
N PRO A 171 16.13 -16.71 11.47
CA PRO A 171 15.49 -16.87 10.16
C PRO A 171 16.46 -16.62 9.00
N GLN A 172 16.31 -17.39 7.93
CA GLN A 172 17.10 -17.18 6.70
C GLN A 172 16.57 -15.97 5.95
N LEU A 173 15.30 -15.63 6.17
CA LEU A 173 14.64 -14.52 5.51
C LEU A 173 13.63 -13.86 6.45
N VAL A 174 13.63 -12.54 6.49
CA VAL A 174 12.58 -11.79 7.18
C VAL A 174 11.85 -10.97 6.12
N LEU A 175 10.53 -11.15 6.03
CA LEU A 175 9.74 -10.54 4.97
C LEU A 175 8.71 -9.56 5.51
N GLY A 176 8.57 -8.43 4.83
CA GLY A 176 7.53 -7.45 5.16
C GLY A 176 6.92 -6.89 3.89
N ARG A 177 5.68 -7.28 3.60
CA ARG A 177 5.00 -6.84 2.39
C ARG A 177 3.94 -5.80 2.70
N HIS A 178 4.17 -4.58 2.22
CA HIS A 178 3.26 -3.45 2.42
C HIS A 178 2.89 -3.27 3.89
N VAL A 179 3.94 -3.24 4.71
CA VAL A 179 3.84 -2.93 6.14
C VAL A 179 4.90 -1.92 6.60
N PHE A 180 6.07 -1.90 5.95
CA PHE A 180 7.18 -1.04 6.35
C PHE A 180 6.86 0.46 6.28
N ALA A 181 6.00 0.85 5.35
CA ALA A 181 5.55 2.24 5.23
C ALA A 181 4.40 2.57 6.19
N HIS A 182 3.93 1.57 6.94
CA HIS A 182 2.87 1.71 7.91
C HIS A 182 3.40 1.90 9.33
N ILE A 183 4.71 1.77 9.50
CA ILE A 183 5.34 1.77 10.83
C ILE A 183 6.07 3.09 11.08
N ASP A 184 5.80 3.73 12.22
CA ASP A 184 6.46 4.99 12.57
C ASP A 184 7.91 4.77 13.00
N ASP A 185 8.11 3.99 14.06
CA ASP A 185 9.47 3.74 14.58
C ASP A 185 10.19 2.71 13.72
N VAL A 186 10.60 3.14 12.53
CA VAL A 186 11.32 2.31 11.58
C VAL A 186 12.73 1.99 12.11
N SER A 187 13.25 2.87 12.95
CA SER A 187 14.52 2.67 13.62
C SER A 187 14.52 1.42 14.49
N ALA A 188 13.42 1.19 15.21
CA ALA A 188 13.25 0.01 16.06
C ALA A 188 13.11 -1.27 15.24
N VAL A 189 12.51 -1.15 14.05
CA VAL A 189 12.34 -2.29 13.14
C VAL A 189 13.70 -2.75 12.66
N ALA A 190 14.53 -1.80 12.23
CA ALA A 190 15.89 -2.08 11.78
C ALA A 190 16.75 -2.73 12.87
N GLU A 191 16.51 -2.33 14.11
CA GLU A 191 17.27 -2.85 15.25
C GLU A 191 16.89 -4.30 15.56
N GLY A 192 15.59 -4.57 15.62
CA GLY A 192 15.08 -5.93 15.79
C GLY A 192 15.52 -6.86 14.67
N VAL A 193 15.54 -6.34 13.45
CA VAL A 193 16.04 -7.06 12.28
C VAL A 193 17.52 -7.43 12.42
N ARG A 194 18.36 -6.46 12.80
CA ARG A 194 19.80 -6.71 12.97
C ARG A 194 20.08 -7.83 13.95
N ASP A 195 19.36 -7.83 15.07
CA ASP A 195 19.50 -8.87 16.10
C ASP A 195 19.07 -10.24 15.57
N LEU A 196 18.07 -10.24 14.69
CA LEU A 196 17.47 -11.46 14.17
C LEU A 196 18.32 -12.13 13.09
N LEU A 197 18.94 -11.31 12.24
CA LEU A 197 19.71 -11.81 11.09
C LEU A 197 21.02 -12.52 11.47
N GLY A 198 21.26 -13.67 10.84
CA GLY A 198 22.59 -14.28 10.83
C GLY A 198 23.41 -13.71 9.68
N PRO A 199 24.67 -14.15 9.53
CA PRO A 199 25.59 -13.60 8.52
C PRO A 199 25.06 -13.58 7.07
N ASP A 200 24.34 -14.62 6.66
CA ASP A 200 23.78 -14.67 5.28
C ASP A 200 22.26 -14.52 5.21
N SER A 201 21.62 -14.19 6.33
CA SER A 201 20.17 -13.93 6.35
C SER A 201 19.85 -12.65 5.58
N LEU A 202 18.59 -12.53 5.15
CA LEU A 202 18.12 -11.35 4.44
C LEU A 202 16.83 -10.79 5.02
N PHE A 203 16.72 -9.46 4.99
CA PHE A 203 15.49 -8.75 5.32
C PHE A 203 14.96 -8.20 4.01
N ALA A 204 13.69 -8.48 3.70
CA ALA A 204 13.08 -8.07 2.44
C ALA A 204 11.81 -7.29 2.69
N ILE A 205 11.71 -6.10 2.09
CA ILE A 205 10.51 -5.29 2.21
C ILE A 205 9.96 -4.89 0.84
N GLU A 206 8.65 -5.02 0.68
CA GLU A 206 7.96 -4.60 -0.51
C GLU A 206 7.11 -3.39 -0.16
N VAL A 207 7.37 -2.27 -0.83
CA VAL A 207 6.65 -1.03 -0.60
C VAL A 207 6.39 -0.33 -1.94
N PRO A 208 5.38 0.55 -2.00
CA PRO A 208 5.17 1.36 -3.20
C PRO A 208 6.37 2.25 -3.49
N TYR A 209 6.73 2.39 -4.75
CA TYR A 209 7.93 3.11 -5.11
C TYR A 209 7.60 4.57 -5.35
N LEU A 210 8.25 5.44 -4.57
CA LEU A 210 8.04 6.89 -4.67
C LEU A 210 8.16 7.39 -6.11
N VAL A 211 9.09 6.84 -6.88
CA VAL A 211 9.29 7.25 -8.27
C VAL A 211 8.02 7.04 -9.10
N ASP A 212 7.42 5.85 -8.97
CA ASP A 212 6.16 5.55 -9.68
C ASP A 212 5.00 6.39 -9.17
N MET A 213 4.99 6.65 -7.88
CA MET A 213 3.93 7.46 -7.27
C MET A 213 3.93 8.87 -7.83
N LEU A 214 5.11 9.44 -8.02
CA LEU A 214 5.25 10.79 -8.56
C LEU A 214 4.94 10.85 -10.07
N GLU A 215 5.60 10.00 -10.84
CA GLU A 215 5.43 9.98 -12.30
C GLU A 215 4.00 9.67 -12.75
N ARG A 216 3.25 8.94 -11.93
CA ARG A 216 1.88 8.56 -12.26
C ARG A 216 0.81 9.34 -11.51
N ASN A 217 1.20 10.28 -10.65
CA ASN A 217 0.24 11.11 -9.91
C ASN A 217 -0.72 10.28 -9.04
N GLU A 218 -0.18 9.27 -8.37
CA GLU A 218 -0.99 8.35 -7.56
C GLU A 218 -1.23 8.95 -6.17
N PHE A 219 -1.95 10.06 -6.14
CA PHE A 219 -2.21 10.80 -4.91
C PHE A 219 -3.21 10.09 -4.01
N ASP A 220 -4.03 9.22 -4.60
CA ASP A 220 -5.01 8.45 -3.83
C ASP A 220 -4.38 7.37 -2.93
N THR A 221 -3.10 7.05 -3.16
CA THR A 221 -2.35 6.15 -2.27
C THR A 221 -1.85 6.86 -1.01
N ILE A 222 -2.16 8.15 -0.87
CA ILE A 222 -1.89 8.90 0.35
C ILE A 222 -3.06 8.71 1.31
N TYR A 223 -2.81 8.00 2.40
CA TYR A 223 -3.75 7.95 3.52
C TYR A 223 -3.05 7.59 4.82
N HIS A 224 -3.77 7.75 5.93
CA HIS A 224 -3.17 7.74 7.27
C HIS A 224 -2.35 6.50 7.61
N GLU A 225 -2.77 5.35 7.08
CA GLU A 225 -2.00 4.12 7.25
C GLU A 225 -0.62 4.25 6.62
N HIS A 226 -0.56 4.86 5.45
CA HIS A 226 0.71 5.08 4.76
C HIS A 226 1.43 6.29 5.33
N LEU A 227 2.30 6.04 6.30
CA LEU A 227 3.06 7.09 6.96
C LEU A 227 4.22 7.54 6.09
N SER A 228 4.82 6.60 5.35
CA SER A 228 5.98 6.86 4.51
C SER A 228 5.67 6.63 3.03
N TYR A 229 6.46 7.25 2.17
CA TYR A 229 6.35 7.08 0.72
C TYR A 229 7.80 7.04 0.21
N ILE A 230 8.25 5.85 -0.12
CA ILE A 230 9.68 5.49 -0.04
C ILE A 230 10.40 5.34 -1.39
N GLY A 231 11.59 5.92 -1.45
CA GLY A 231 12.56 5.66 -2.53
C GLY A 231 13.76 4.94 -1.94
N VAL A 232 14.61 4.41 -2.80
CA VAL A 232 15.77 3.62 -2.36
C VAL A 232 16.77 4.47 -1.55
N GLY A 233 17.00 5.69 -1.99
CA GLY A 233 17.91 6.60 -1.30
C GLY A 233 17.66 6.69 0.20
N SER A 234 16.41 6.95 0.57
CA SER A 234 16.03 7.11 1.97
C SER A 234 16.23 5.83 2.80
N LEU A 235 16.05 4.67 2.16
CA LEU A 235 16.27 3.39 2.84
C LEU A 235 17.75 3.18 3.16
N VAL A 236 18.62 3.55 2.22
CA VAL A 236 20.07 3.48 2.45
C VAL A 236 20.48 4.37 3.61
N ALA A 237 19.91 5.58 3.66
CA ALA A 237 20.17 6.52 4.75
C ALA A 237 19.79 5.95 6.12
N LEU A 238 18.73 5.15 6.16
CA LEU A 238 18.30 4.50 7.42
C LEU A 238 19.19 3.33 7.79
N PHE A 239 19.33 2.37 6.88
CA PHE A 239 20.04 1.13 7.18
C PHE A 239 21.53 1.36 7.46
N ARG A 240 22.09 2.43 6.88
CA ARG A 240 23.44 2.90 7.25
C ARG A 240 23.65 3.01 8.76
N ARG A 241 22.63 3.55 9.44
CA ARG A 241 22.72 3.87 10.85
C ARG A 241 22.41 2.69 11.79
N HIS A 242 22.20 1.50 11.23
CA HIS A 242 21.85 0.33 12.03
C HIS A 242 22.59 -0.93 11.58
N GLY A 243 23.83 -0.76 11.10
CA GLY A 243 24.67 -1.88 10.69
C GLY A 243 24.07 -2.78 9.62
N LEU A 244 23.18 -2.21 8.81
CA LEU A 244 22.51 -2.95 7.74
C LEU A 244 22.85 -2.30 6.41
N ARG A 245 22.73 -3.08 5.34
CA ARG A 245 23.20 -2.65 4.03
C ARG A 245 22.30 -3.21 2.92
N VAL A 246 21.84 -2.32 2.04
CA VAL A 246 20.93 -2.71 0.95
C VAL A 246 21.73 -3.45 -0.13
N VAL A 247 21.30 -4.67 -0.44
CA VAL A 247 22.05 -5.53 -1.38
C VAL A 247 21.38 -5.79 -2.73
N ASP A 248 20.07 -5.55 -2.83
CA ASP A 248 19.35 -5.80 -4.08
C ASP A 248 17.96 -5.16 -4.10
N VAL A 249 17.48 -4.85 -5.31
CA VAL A 249 16.17 -4.26 -5.51
C VAL A 249 15.55 -4.80 -6.80
N GLU A 250 14.26 -5.16 -6.76
CA GLU A 250 13.50 -5.49 -7.96
C GLU A 250 12.28 -4.58 -8.07
N ARG A 251 12.12 -3.94 -9.21
CA ARG A 251 10.95 -3.12 -9.48
C ARG A 251 9.78 -3.99 -9.89
N LEU A 252 8.58 -3.63 -9.42
CA LEU A 252 7.40 -4.46 -9.58
C LEU A 252 6.21 -3.63 -10.03
N ALA A 253 5.35 -4.23 -10.85
CA ALA A 253 4.15 -3.55 -11.34
C ALA A 253 3.04 -3.47 -10.29
N VAL A 254 3.09 -4.33 -9.27
CA VAL A 254 2.00 -4.40 -8.28
C VAL A 254 1.76 -3.10 -7.51
N HIS A 255 0.51 -2.92 -7.10
CA HIS A 255 0.06 -1.77 -6.32
C HIS A 255 0.55 -0.41 -6.83
N GLY A 256 0.52 -0.23 -8.15
CA GLY A 256 0.86 1.04 -8.79
C GLY A 256 2.34 1.30 -8.99
N GLY A 257 3.15 0.24 -8.98
CA GLY A 257 4.60 0.38 -9.04
C GLY A 257 5.16 0.26 -7.64
N SER A 258 5.97 -0.76 -7.41
CA SER A 258 6.53 -1.06 -6.10
C SER A 258 7.99 -1.45 -6.23
N ILE A 259 8.66 -1.55 -5.09
CA ILE A 259 10.03 -2.08 -5.03
C ILE A 259 10.13 -3.16 -3.97
N LEU A 260 10.74 -4.29 -4.33
CA LEU A 260 11.09 -5.34 -3.40
C LEU A 260 12.57 -5.18 -3.08
N VAL A 261 12.86 -4.72 -1.87
CA VAL A 261 14.22 -4.35 -1.47
C VAL A 261 14.78 -5.41 -0.55
N PHE A 262 16.00 -5.85 -0.83
CA PHE A 262 16.70 -6.86 -0.01
C PHE A 262 17.83 -6.21 0.79
N VAL A 263 17.88 -6.55 2.08
CA VAL A 263 18.82 -5.94 3.02
C VAL A 263 19.48 -7.03 3.85
N GLY A 264 20.78 -6.90 4.06
CA GLY A 264 21.54 -7.84 4.90
C GLY A 264 22.43 -7.10 5.87
N LEU A 265 23.14 -7.87 6.71
CA LEU A 265 24.09 -7.29 7.66
C LEU A 265 25.28 -6.66 6.91
N ASP A 266 25.68 -5.47 7.35
CA ASP A 266 26.76 -4.73 6.71
C ASP A 266 28.04 -5.55 6.57
N GLU A 267 28.34 -6.34 7.60
CA GLU A 267 29.55 -7.18 7.60
C GLU A 267 29.20 -8.67 7.35
N GLY A 268 28.24 -8.90 6.47
CA GLY A 268 27.74 -10.26 6.20
C GLY A 268 28.20 -10.81 4.87
N THR A 269 27.61 -11.96 4.49
CA THR A 269 28.00 -12.70 3.29
C THR A 269 27.51 -12.05 2.00
N ARG A 270 26.36 -11.38 2.06
CA ARG A 270 25.67 -10.93 0.86
C ARG A 270 26.33 -9.70 0.25
N ALA A 271 26.86 -9.86 -0.96
CA ALA A 271 27.46 -8.74 -1.69
C ALA A 271 26.37 -7.79 -2.21
N THR A 272 26.74 -6.53 -2.41
CA THR A 272 25.83 -5.52 -2.97
C THR A 272 25.81 -5.62 -4.48
N ALA A 273 24.61 -5.74 -5.05
CA ALA A 273 24.44 -5.80 -6.50
C ALA A 273 24.45 -4.39 -7.08
N PRO A 274 24.92 -4.24 -8.34
CA PRO A 274 25.04 -2.91 -8.97
C PRO A 274 23.70 -2.18 -9.14
N VAL A 275 22.61 -2.94 -9.16
CA VAL A 275 21.25 -2.38 -9.30
C VAL A 275 20.93 -1.32 -8.25
N VAL A 276 21.50 -1.46 -7.05
CA VAL A 276 21.22 -0.55 -5.94
C VAL A 276 21.73 0.86 -6.26
N GLU A 277 22.97 0.93 -6.71
CA GLU A 277 23.57 2.20 -7.16
C GLU A 277 22.79 2.80 -8.32
N GLU A 278 22.36 1.94 -9.26
CA GLU A 278 21.66 2.38 -10.46
C GLU A 278 20.36 3.12 -10.15
N LEU A 279 19.55 2.55 -9.26
CA LEU A 279 18.27 3.14 -8.88
C LEU A 279 18.43 4.42 -8.06
N ILE A 280 19.48 4.48 -7.25
CA ILE A 280 19.83 5.71 -6.54
C ILE A 280 20.20 6.81 -7.54
N ALA A 281 20.95 6.45 -8.58
CA ALA A 281 21.31 7.37 -9.65
C ALA A 281 20.09 7.79 -10.48
N LEU A 282 19.18 6.85 -10.72
CA LEU A 282 17.94 7.14 -11.46
C LEU A 282 17.02 8.09 -10.69
N GLU A 283 16.97 7.95 -9.38
CA GLU A 283 16.17 8.83 -8.52
C GLU A 283 16.68 10.27 -8.55
N LYS A 284 18.00 10.44 -8.43
CA LYS A 284 18.62 11.75 -8.60
C LYS A 284 18.32 12.30 -10.00
N GLU A 285 18.51 11.45 -11.00
CA GLU A 285 18.33 11.83 -12.40
C GLU A 285 16.89 12.27 -12.72
N ARG A 286 15.93 11.78 -11.93
CA ARG A 286 14.51 12.09 -12.14
C ARG A 286 14.00 13.25 -11.26
N GLY A 287 14.92 13.93 -10.58
CA GLY A 287 14.58 15.16 -9.84
C GLY A 287 13.95 14.96 -8.47
N LEU A 288 14.19 13.82 -7.84
CA LEU A 288 13.63 13.56 -6.50
C LEU A 288 14.26 14.41 -5.40
N TYR A 289 15.47 14.93 -5.62
CA TYR A 289 16.16 15.75 -4.63
C TYR A 289 15.99 17.26 -4.87
N GLU A 290 14.94 17.65 -5.57
CA GLU A 290 14.72 19.05 -5.93
C GLU A 290 13.28 19.48 -5.63
N ASP A 291 13.12 20.69 -5.11
CA ASP A 291 11.81 21.18 -4.67
C ASP A 291 10.76 21.29 -5.79
N ALA A 292 11.21 21.57 -7.00
CA ALA A 292 10.33 21.75 -8.15
C ALA A 292 9.49 20.50 -8.44
N THR A 293 10.10 19.33 -8.31
CA THR A 293 9.42 18.06 -8.57
C THR A 293 8.17 17.87 -7.71
N TYR A 294 8.22 18.33 -6.46
CA TYR A 294 7.11 18.14 -5.52
C TYR A 294 6.04 19.22 -5.64
N GLU A 295 6.41 20.40 -6.13
CA GLU A 295 5.45 21.44 -6.46
C GLU A 295 4.72 21.09 -7.76
N ARG A 296 5.45 20.44 -8.66
CA ARG A 296 4.87 19.91 -9.90
C ARG A 296 3.84 18.83 -9.58
N PHE A 297 4.20 17.94 -8.66
CA PHE A 297 3.26 16.93 -8.16
C PHE A 297 2.00 17.58 -7.59
N ALA A 298 2.20 18.63 -6.80
CA ALA A 298 1.08 19.32 -6.15
C ALA A 298 0.06 19.91 -7.11
N ARG A 299 0.52 20.48 -8.23
CA ARG A 299 -0.41 21.04 -9.21
C ARG A 299 -1.04 19.95 -10.07
N HIS A 300 -0.28 18.92 -10.43
CA HIS A 300 -0.84 17.74 -11.10
C HIS A 300 -2.05 17.23 -10.33
N VAL A 301 -1.91 17.10 -9.01
CA VAL A 301 -3.00 16.67 -8.13
C VAL A 301 -4.21 17.60 -8.22
N ALA A 302 -3.96 18.90 -8.20
CA ALA A 302 -5.04 19.89 -8.29
C ALA A 302 -5.78 19.80 -9.63
N GLU A 303 -5.02 19.58 -10.70
CA GLU A 303 -5.59 19.46 -12.05
C GLU A 303 -6.41 18.17 -12.22
N ILE A 304 -5.86 17.06 -11.73
CA ILE A 304 -6.53 15.75 -11.84
C ILE A 304 -7.80 15.71 -10.98
N THR A 305 -7.69 16.20 -9.75
CA THR A 305 -8.83 16.37 -8.85
C THR A 305 -9.95 17.20 -9.49
N ALA A 306 -9.58 18.29 -10.14
CA ALA A 306 -10.54 19.21 -10.76
C ALA A 306 -11.18 18.57 -11.98
N GLU A 307 -10.36 17.92 -12.79
CA GLU A 307 -10.78 17.27 -14.02
C GLU A 307 -11.64 16.04 -13.76
N LEU A 308 -11.37 15.34 -12.66
CA LEU A 308 -12.10 14.12 -12.33
C LEU A 308 -13.50 14.46 -11.84
N THR A 309 -13.58 15.48 -11.00
CA THR A 309 -14.87 15.91 -10.47
C THR A 309 -15.79 16.43 -11.58
N SER A 310 -15.26 17.24 -12.48
CA SER A 310 -16.06 17.84 -13.55
C SER A 310 -16.48 16.78 -14.58
N MET A 311 -15.59 15.84 -14.85
CA MET A 311 -15.90 14.70 -15.72
C MET A 311 -17.09 13.90 -15.19
N VAL A 312 -17.07 13.60 -13.89
CA VAL A 312 -18.14 12.86 -13.25
C VAL A 312 -19.46 13.64 -13.23
N ARG A 313 -19.40 14.89 -12.77
CA ARG A 313 -20.61 15.72 -12.67
C ARG A 313 -21.23 16.11 -14.02
N SER A 314 -20.40 16.30 -15.03
CA SER A 314 -20.87 16.57 -16.40
C SER A 314 -21.63 15.38 -16.97
N LEU A 315 -21.07 14.19 -16.80
CA LEU A 315 -21.73 12.95 -17.26
C LEU A 315 -23.06 12.73 -16.55
N ARG A 316 -23.09 12.95 -15.25
CA ARG A 316 -24.33 12.85 -14.48
C ARG A 316 -25.38 13.86 -14.97
N ALA A 317 -24.94 15.08 -15.27
CA ALA A 317 -25.83 16.12 -15.80
C ALA A 317 -26.47 15.73 -17.14
N GLU A 318 -25.75 14.91 -17.92
CA GLU A 318 -26.28 14.34 -19.16
C GLU A 318 -27.21 13.14 -18.93
N GLY A 319 -27.45 12.80 -17.67
CA GLY A 319 -28.34 11.68 -17.31
C GLY A 319 -27.68 10.32 -17.27
N LYS A 320 -26.35 10.28 -17.19
CA LYS A 320 -25.61 9.01 -17.09
C LYS A 320 -25.47 8.58 -15.63
N ARG A 321 -25.60 7.27 -15.40
CA ARG A 321 -25.45 6.70 -14.06
C ARG A 321 -24.01 6.29 -13.84
N ILE A 322 -23.47 6.63 -12.67
CA ILE A 322 -22.09 6.36 -12.35
C ILE A 322 -21.99 5.67 -10.99
N ALA A 323 -21.12 4.65 -10.93
CA ALA A 323 -20.84 3.93 -9.69
C ALA A 323 -19.34 3.70 -9.61
N GLY A 324 -18.87 3.31 -8.43
CA GLY A 324 -17.46 3.00 -8.22
C GLY A 324 -17.21 1.51 -8.36
N TYR A 325 -16.09 1.14 -8.98
CA TYR A 325 -15.71 -0.26 -9.06
C TYR A 325 -14.63 -0.55 -8.04
N GLY A 326 -15.00 -1.28 -6.99
CA GLY A 326 -14.12 -1.55 -5.87
C GLY A 326 -14.35 -0.54 -4.76
N ALA A 327 -14.05 -0.94 -3.53
CA ALA A 327 -14.06 -0.02 -2.39
C ALA A 327 -12.75 -0.13 -1.61
N PRO A 328 -11.62 0.14 -2.28
CA PRO A 328 -10.32 0.08 -1.62
C PRO A 328 -10.05 1.32 -0.78
N ALA A 329 -9.15 1.19 0.19
CA ALA A 329 -8.72 2.30 1.04
C ALA A 329 -8.40 3.54 0.21
N LYS A 330 -7.61 3.37 -0.84
CA LYS A 330 -7.22 4.49 -1.72
C LYS A 330 -8.41 5.17 -2.37
N GLY A 331 -9.45 4.40 -2.69
CA GLY A 331 -10.68 4.96 -3.24
C GLY A 331 -11.28 6.03 -2.33
N ASN A 332 -11.18 5.82 -1.03
CA ASN A 332 -11.74 6.76 -0.05
C ASN A 332 -10.96 8.06 0.08
N THR A 333 -9.65 8.03 -0.15
CA THR A 333 -8.87 9.26 -0.30
C THR A 333 -9.34 10.00 -1.54
N LEU A 334 -9.45 9.26 -2.64
CA LEU A 334 -9.84 9.83 -3.94
C LEU A 334 -11.16 10.60 -3.84
N LEU A 335 -12.18 9.95 -3.31
CA LEU A 335 -13.53 10.52 -3.28
C LEU A 335 -13.68 11.69 -2.30
N ASN A 336 -12.98 11.61 -1.17
CA ASN A 336 -13.00 12.70 -0.18
C ASN A 336 -12.30 13.96 -0.69
N VAL A 337 -11.12 13.79 -1.25
CA VAL A 337 -10.35 14.90 -1.83
C VAL A 337 -11.13 15.54 -3.00
N CYS A 338 -11.78 14.71 -3.80
CA CYS A 338 -12.58 15.20 -4.93
C CYS A 338 -13.96 15.75 -4.51
N GLY A 339 -14.38 15.45 -3.28
CA GLY A 339 -15.64 15.96 -2.75
C GLY A 339 -16.88 15.33 -3.36
N LEU A 340 -16.76 14.07 -3.80
CA LEU A 340 -17.90 13.37 -4.40
C LEU A 340 -18.79 12.79 -3.32
N THR A 341 -20.06 12.56 -3.66
CA THR A 341 -21.07 12.11 -2.70
C THR A 341 -21.97 11.05 -3.32
N ALA A 342 -22.97 10.60 -2.55
CA ALA A 342 -23.97 9.66 -3.04
C ALA A 342 -24.73 10.13 -4.29
N ASP A 343 -24.75 11.45 -4.52
CA ASP A 343 -25.38 12.02 -5.71
C ASP A 343 -24.52 11.81 -6.96
N ASP A 344 -23.22 11.72 -6.79
CA ASP A 344 -22.27 11.54 -7.90
C ASP A 344 -22.05 10.06 -8.21
N LEU A 345 -21.73 9.28 -7.18
CA LEU A 345 -21.66 7.82 -7.31
C LEU A 345 -22.76 7.20 -6.46
N GLU A 346 -23.64 6.42 -7.08
CA GLU A 346 -24.78 5.85 -6.37
C GLU A 346 -24.39 4.65 -5.49
N PHE A 347 -23.35 3.91 -5.89
CA PHE A 347 -22.74 2.91 -5.01
C PHE A 347 -21.30 2.58 -5.42
N CYS A 348 -20.62 1.81 -4.57
CA CYS A 348 -19.34 1.20 -4.92
C CYS A 348 -19.48 -0.30 -4.75
N CSO A 349 -19.20 -1.05 -5.80
CA CSO A 349 -19.31 -2.51 -5.74
CB CSO A 349 -19.74 -3.10 -7.09
SG CSO A 349 -18.51 -3.04 -8.35
C CSO A 349 -18.02 -3.05 -5.19
O CSO A 349 -16.95 -2.52 -5.47
OD CSO A 349 -18.14 -4.74 -8.58
N ASP A 350 -18.12 -4.09 -4.36
CA ASP A 350 -16.94 -4.68 -3.75
C ASP A 350 -17.15 -6.16 -3.41
N THR A 351 -16.12 -6.96 -3.68
CA THR A 351 -16.15 -8.40 -3.44
C THR A 351 -16.02 -8.76 -1.97
N THR A 352 -15.55 -7.82 -1.14
CA THR A 352 -15.37 -8.06 0.28
C THR A 352 -16.73 -8.09 0.99
N GLU A 353 -17.07 -9.26 1.52
CA GLU A 353 -18.36 -9.49 2.18
C GLU A 353 -18.56 -8.54 3.35
N PHE A 354 -17.50 -8.36 4.15
CA PHE A 354 -17.52 -7.43 5.27
C PHE A 354 -17.93 -6.01 4.84
N LYS A 355 -17.38 -5.54 3.73
CA LYS A 355 -17.67 -4.19 3.25
C LYS A 355 -19.09 -4.04 2.70
N GLN A 356 -19.67 -5.13 2.20
CA GLN A 356 -21.02 -5.09 1.64
C GLN A 356 -22.05 -4.70 2.69
N GLY A 357 -22.94 -3.79 2.33
CA GLY A 357 -23.97 -3.29 3.25
C GLY A 357 -23.51 -2.16 4.15
N LEU A 358 -22.24 -1.80 4.08
CA LEU A 358 -21.69 -0.68 4.84
C LEU A 358 -21.65 0.57 3.96
N VAL A 359 -21.04 1.62 4.49
CA VAL A 359 -21.02 2.93 3.86
C VAL A 359 -19.58 3.49 3.96
N LEU A 360 -19.13 4.16 2.91
CA LEU A 360 -17.75 4.68 2.86
C LEU A 360 -17.51 5.78 3.89
N PRO A 361 -16.25 5.94 4.35
CA PRO A 361 -15.93 7.04 5.25
C PRO A 361 -15.98 8.40 4.57
N GLY A 362 -16.61 9.38 5.23
CA GLY A 362 -16.66 10.77 4.75
C GLY A 362 -17.75 11.02 3.74
N THR A 363 -17.66 10.37 2.58
CA THR A 363 -18.60 10.54 1.48
C THR A 363 -19.92 9.80 1.74
N HIS A 364 -19.85 8.76 2.56
CA HIS A 364 -21.01 7.95 2.94
C HIS A 364 -21.73 7.28 1.77
N ILE A 365 -20.98 6.94 0.73
CA ILE A 365 -21.52 6.22 -0.43
C ILE A 365 -21.72 4.75 -0.05
N PRO A 366 -22.84 4.14 -0.47
CA PRO A 366 -23.10 2.76 -0.09
C PRO A 366 -22.20 1.75 -0.79
N VAL A 367 -21.78 0.71 -0.07
CA VAL A 367 -21.03 -0.39 -0.66
C VAL A 367 -21.98 -1.54 -0.90
N ARG A 368 -22.06 -2.01 -2.14
CA ARG A 368 -22.96 -3.09 -2.52
C ARG A 368 -22.17 -4.24 -3.14
N SER A 369 -22.84 -5.39 -3.29
CA SER A 369 -22.21 -6.58 -3.84
C SER A 369 -22.16 -6.52 -5.37
N PRO A 370 -21.24 -7.31 -5.98
CA PRO A 370 -21.20 -7.40 -7.45
C PRO A 370 -22.48 -8.00 -8.06
N GLU A 371 -23.17 -8.86 -7.32
CA GLU A 371 -24.42 -9.45 -7.83
C GLU A 371 -25.57 -8.42 -7.86
N TYR A 372 -25.58 -7.50 -6.92
CA TYR A 372 -26.49 -6.36 -6.99
C TYR A 372 -26.10 -5.44 -8.15
N ALA A 373 -24.81 -5.17 -8.28
CA ALA A 373 -24.31 -4.27 -9.33
C ALA A 373 -24.75 -4.72 -10.73
N LYS A 374 -24.73 -6.04 -10.97
CA LYS A 374 -25.15 -6.60 -12.26
C LYS A 374 -26.63 -6.41 -12.60
N THR A 375 -27.46 -6.15 -11.59
CA THR A 375 -28.87 -5.85 -11.82
C THR A 375 -29.13 -4.39 -12.23
N GLN A 376 -28.13 -3.53 -12.09
CA GLN A 376 -28.30 -2.09 -12.34
C GLN A 376 -27.67 -1.64 -13.65
N ALA A 377 -28.37 -0.76 -14.36
CA ALA A 377 -27.90 -0.23 -15.64
C ALA A 377 -26.93 0.94 -15.44
N ILE A 378 -25.71 0.62 -15.01
CA ILE A 378 -24.68 1.62 -14.81
C ILE A 378 -24.00 1.92 -16.14
N ASP A 379 -23.82 3.21 -16.44
CA ASP A 379 -23.20 3.64 -17.68
C ASP A 379 -21.68 3.72 -17.56
N TYR A 380 -21.21 4.27 -16.44
CA TYR A 380 -19.79 4.41 -16.17
C TYR A 380 -19.41 3.86 -14.79
N TYR A 381 -18.29 3.16 -14.72
CA TYR A 381 -17.68 2.82 -13.43
C TYR A 381 -16.37 3.58 -13.26
N LEU A 382 -16.26 4.31 -12.16
CA LEU A 382 -14.99 4.93 -11.78
C LEU A 382 -14.14 3.83 -11.16
N LEU A 383 -13.02 3.50 -11.79
CA LEU A 383 -12.21 2.36 -11.37
C LEU A 383 -11.33 2.71 -10.19
N LEU A 384 -11.83 2.47 -8.98
CA LEU A 384 -11.12 2.80 -7.76
C LEU A 384 -10.02 1.78 -7.47
N ALA A 385 -10.29 0.51 -7.74
CA ALA A 385 -9.30 -0.55 -7.61
C ALA A 385 -8.49 -0.69 -8.91
N TRP A 386 -7.88 0.41 -9.32
CA TRP A 386 -7.19 0.51 -10.61
C TRP A 386 -5.90 -0.29 -10.67
N ASN A 387 -5.31 -0.59 -9.50
CA ASN A 387 -4.11 -1.43 -9.44
C ASN A 387 -4.36 -2.88 -9.88
N TYR A 388 -5.62 -3.27 -10.02
CA TYR A 388 -6.00 -4.55 -10.61
C TYR A 388 -6.66 -4.38 -11.98
N GLY A 389 -6.25 -3.35 -12.71
CA GLY A 389 -6.85 -2.99 -13.99
C GLY A 389 -6.93 -4.11 -15.02
N GLU A 390 -5.82 -4.83 -15.20
CA GLU A 390 -5.76 -5.92 -16.18
C GLU A 390 -6.73 -7.05 -15.85
N GLU A 391 -6.67 -7.52 -14.60
CA GLU A 391 -7.55 -8.61 -14.15
C GLU A 391 -9.03 -8.23 -14.22
N ILE A 392 -9.35 -7.00 -13.83
CA ILE A 392 -10.74 -6.54 -13.80
C ILE A 392 -11.31 -6.42 -15.21
N LEU A 393 -10.56 -5.80 -16.12
CA LEU A 393 -11.03 -5.64 -17.50
C LEU A 393 -11.19 -6.99 -18.21
N ALA A 394 -10.35 -7.96 -17.84
CA ALA A 394 -10.38 -9.28 -18.46
C ALA A 394 -11.68 -10.05 -18.18
N LYS A 395 -12.36 -9.73 -17.07
CA LYS A 395 -13.60 -10.42 -16.69
C LYS A 395 -14.86 -9.57 -16.83
N GLU A 396 -14.75 -8.36 -17.39
CA GLU A 396 -15.91 -7.48 -17.56
C GLU A 396 -16.31 -7.31 -19.03
N GLY A 397 -16.04 -8.33 -19.85
CA GLY A 397 -16.45 -8.34 -21.25
C GLY A 397 -17.90 -8.00 -21.50
N PRO A 398 -18.84 -8.64 -20.77
CA PRO A 398 -20.27 -8.36 -20.98
C PRO A 398 -20.65 -6.89 -20.79
N PHE A 399 -20.14 -6.28 -19.72
CA PHE A 399 -20.33 -4.85 -19.47
C PHE A 399 -19.77 -4.00 -20.62
N LEU A 400 -18.53 -4.28 -21.02
CA LEU A 400 -17.88 -3.54 -22.10
C LEU A 400 -18.56 -3.72 -23.45
N ALA A 401 -19.04 -4.93 -23.72
CA ALA A 401 -19.74 -5.23 -24.96
C ALA A 401 -21.09 -4.50 -25.05
N ASP A 402 -21.73 -4.28 -23.90
CA ASP A 402 -22.99 -3.53 -23.81
C ASP A 402 -22.82 -2.01 -23.93
N GLY A 403 -21.58 -1.52 -24.10
CA GLY A 403 -21.32 -0.09 -24.20
C GLY A 403 -20.89 0.54 -22.89
N GLY A 404 -20.66 -0.28 -21.87
CA GLY A 404 -20.20 0.20 -20.57
C GLY A 404 -18.77 0.71 -20.64
N ARG A 405 -18.48 1.71 -19.80
CA ARG A 405 -17.17 2.36 -19.81
C ARG A 405 -16.59 2.50 -18.41
N PHE A 406 -15.27 2.51 -18.35
CA PHE A 406 -14.55 2.74 -17.12
C PHE A 406 -13.85 4.10 -17.16
N ILE A 407 -13.78 4.76 -16.00
CA ILE A 407 -12.98 5.96 -15.84
C ILE A 407 -11.78 5.60 -14.96
N LEU A 408 -10.57 5.77 -15.50
CA LEU A 408 -9.34 5.52 -14.76
C LEU A 408 -8.76 6.85 -14.31
N PRO A 409 -8.26 6.94 -13.06
CA PRO A 409 -7.77 8.22 -12.51
C PRO A 409 -6.32 8.58 -12.80
N ASN A 410 -5.47 7.62 -13.16
CA ASN A 410 -4.05 7.89 -13.43
C ASN A 410 -3.52 7.11 -14.65
N PRO A 411 -2.38 7.49 -15.21
CA PRO A 411 -1.60 8.68 -14.84
C PRO A 411 -2.38 9.98 -14.99
N ARG A 412 -3.17 10.05 -16.06
CA ARG A 412 -4.14 11.11 -16.25
C ARG A 412 -5.52 10.47 -16.39
N PRO A 413 -6.58 11.17 -15.95
CA PRO A 413 -7.94 10.65 -16.15
C PRO A 413 -8.23 10.29 -17.61
N SER A 414 -8.76 9.08 -17.83
CA SER A 414 -9.07 8.61 -19.19
C SER A 414 -10.23 7.61 -19.20
N ILE A 415 -10.75 7.37 -20.40
CA ILE A 415 -11.90 6.50 -20.59
C ILE A 415 -11.48 5.20 -21.28
N VAL A 416 -11.89 4.07 -20.70
CA VAL A 416 -11.72 2.75 -21.29
C VAL A 416 -13.11 2.24 -21.65
N PRO A 417 -13.31 1.72 -22.87
CA PRO A 417 -12.28 1.55 -23.90
C PRO A 417 -11.83 2.86 -24.53
N PRO A 418 -10.60 2.90 -25.07
CA PRO A 418 -10.16 4.07 -25.82
C PRO A 418 -10.81 4.15 -27.21
N GLY A 419 -10.68 5.30 -27.86
CA GLY A 419 -11.29 5.52 -29.17
C GLY A 419 -10.72 4.68 -30.29
N GLU A 420 -9.46 4.26 -30.13
CA GLU A 420 -8.80 3.43 -31.13
C GLU A 420 -8.02 2.33 -30.48
N HIS A 421 -7.72 1.31 -31.28
CA HIS A 421 -6.84 0.24 -30.89
C HIS A 421 -5.39 0.74 -30.98
N HIS A 422 -4.58 0.35 -30.02
CA HIS A 422 -3.16 0.77 -29.96
C HIS A 422 -2.24 -0.29 -30.56
N HIS A 423 -2.02 -0.16 -31.88
CA HIS A 423 -1.02 -0.91 -32.66
C HIS A 423 -1.60 -1.35 -34.01
ZN ZN B . 15.23 12.24 6.00
N SAH C . 1.16 -8.14 3.93
CA SAH C . -0.31 -8.20 3.64
CB SAH C . -1.12 -7.14 4.40
CG SAH C . -0.63 -5.70 4.22
SD SAH C . -1.71 -4.62 5.10
C SAH C . -0.60 -8.04 2.17
O SAH C . -1.70 -8.36 1.72
OXT SAH C . 0.25 -7.59 1.38
C5' SAH C . -0.76 -4.17 6.52
C4' SAH C . -0.66 -5.31 7.53
O4' SAH C . 0.43 -5.09 8.44
C3' SAH C . -1.90 -5.45 8.41
O3' SAH C . -2.27 -6.82 8.52
C2' SAH C . -1.49 -4.88 9.76
O2' SAH C . -2.21 -5.48 10.84
C1' SAH C . 0.00 -5.21 9.79
N9 SAH C . 0.84 -4.31 10.62
C8 SAH C . 0.71 -2.98 10.81
N7 SAH C . 1.68 -2.52 11.62
C5 SAH C . 2.46 -3.55 11.97
C6 SAH C . 3.67 -3.73 12.80
N6 SAH C . 4.23 -2.68 13.44
N1 SAH C . 4.19 -4.98 12.91
C2 SAH C . 3.63 -6.03 12.26
N3 SAH C . 2.53 -5.93 11.49
C4 SAH C . 1.92 -4.73 11.30
O4P 3YN D . -6.29 -0.04 -1.33
P2 3YN D . -6.43 -1.20 -0.46
O3P 3YN D . -7.69 -1.37 0.29
O1 3YN D . -5.24 -1.11 0.56
C1 3YN D . -4.79 -2.23 1.29
C2 3YN D . -4.32 -1.74 2.65
C3 3YN D . -3.13 -0.81 2.52
O3 3YN D . -2.56 -0.54 3.79
C4 3YN D . -2.07 -1.41 1.65
O4 3YN D . -0.92 -1.32 1.91
C5 3YN D . -2.57 -2.04 0.39
O5 3YN D . -3.67 -2.87 0.67
C6 3YN D . -1.49 -2.86 -0.24
OPP 3YN D . -6.03 -2.52 -1.23
P 3YN D . -6.61 -3.20 -2.53
O1P 3YN D . -6.15 -4.57 -2.42
O2P 3YN D . -6.18 -2.46 -3.68
O5' 3YN D . -8.16 -3.14 -2.45
C5' 3YN D . -8.96 -3.57 -3.52
C4' 3YN D . -10.41 -3.62 -3.12
O4' 3YN D . -11.17 -3.83 -4.29
C3' 3YN D . -10.70 -4.78 -2.21
O3' 3YN D . -11.63 -4.33 -1.25
C2' 3YN D . -11.37 -5.80 -3.07
C1' 3YN D . -11.93 -5.01 -4.23
N11 3YN D . -11.89 -5.72 -5.49
C21 3YN D . -13.10 -5.97 -6.15
O21 3YN D . -14.15 -5.61 -5.68
N31 3YN D . -13.16 -6.60 -7.28
C41 3YN D . -12.06 -7.01 -7.86
O41 3YN D . -12.13 -7.61 -8.92
C51 3YN D . -10.77 -6.77 -7.22
C5A 3YN D . -9.54 -7.27 -7.89
C61 3YN D . -10.75 -6.10 -6.02
#